data_6FTZ
#
_entry.id   6FTZ
#
_cell.length_a   55.220
_cell.length_b   49.975
_cell.length_c   39.370
_cell.angle_alpha   90.00
_cell.angle_beta   106.07
_cell.angle_gamma   90.00
#
_symmetry.space_group_name_H-M   'P 1 21 1'
#
loop_
_entity.id
_entity.type
_entity.pdbx_description
1 polymer 'Complement factor D'
2 non-polymer ~{N}4-[3-(aminomethyl)phenyl]-1~{H}-indole-2,4-dicarboxamide
3 water water
#
_entity_poly.entity_id   1
_entity_poly.type   'polypeptide(L)'
_entity_poly.pdbx_seq_one_letter_code
;ILGGREAEAHARPYMASVQLNGAHLCGGVLVAEQWVLSAAHCLEDAADGKVQVLLGAHSLSQPEPSKRLYDVLRAVPHPD
SQPDTIDHDLLLLQLSEKATLGPAVRPLPWQRVDRDVAPGTLCDVAGWGIVNHAGRRPDSLQHVLLPVLDRATCNRRTHH
DGAITERLMCAESNRRDSCKGDSGGPLVCGGVLEGVVTSGSRVCGNRKKPGIYTRVASYAAWIDSVLASAAA
;
_entity_poly.pdbx_strand_id   A
#
loop_
_chem_comp.id
_chem_comp.type
_chem_comp.name
_chem_comp.formula
E7E non-polymer ~{N}4-[3-(aminomethyl)phenyl]-1~{H}-indole-2,4-dicarboxamide 'C17 H16 N4 O2'
#
# COMPACT_ATOMS: atom_id res chain seq x y z
N ILE A 1 -8.48 4.26 6.20
CA ILE A 1 -8.50 3.23 7.22
C ILE A 1 -9.81 3.39 8.01
N LEU A 2 -10.62 2.34 8.10
CA LEU A 2 -11.81 2.38 8.95
C LEU A 2 -11.40 1.77 10.30
N GLY A 3 -11.94 2.30 11.40
CA GLY A 3 -11.69 1.75 12.73
C GLY A 3 -10.27 1.86 13.24
N GLY A 4 -9.49 2.76 12.67
CA GLY A 4 -8.12 2.97 13.09
C GLY A 4 -7.95 4.19 13.97
N ARG A 5 -6.72 4.69 14.05
N ARG A 5 -6.70 4.66 14.08
CA ARG A 5 -6.40 5.89 14.83
CA ARG A 5 -6.30 5.78 14.93
C ARG A 5 -5.38 6.71 14.07
C ARG A 5 -5.22 6.60 14.22
N GLU A 6 -5.08 7.91 14.56
CA GLU A 6 -4.06 8.75 13.96
C GLU A 6 -2.70 8.14 14.27
N ALA A 7 -1.85 8.01 13.23
CA ALA A 7 -0.51 7.47 13.39
C ALA A 7 0.40 8.48 14.09
N GLU A 8 1.45 7.99 14.78
CA GLU A 8 2.46 8.86 15.38
C GLU A 8 3.22 9.48 14.19
N ALA A 9 3.26 10.81 14.14
CA ALA A 9 3.91 11.56 13.05
C ALA A 9 5.34 11.05 12.72
N HIS A 10 5.57 10.73 11.41
CA HIS A 10 6.87 10.30 10.86
C HIS A 10 7.45 9.02 11.51
N ALA A 11 6.61 8.22 12.19
CA ALA A 11 7.08 6.95 12.80
C ALA A 11 7.13 5.82 11.76
N ARG A 12 6.63 6.08 10.55
CA ARG A 12 6.61 5.17 9.41
C ARG A 12 7.28 5.95 8.25
N PRO A 13 8.62 6.08 8.26
CA PRO A 13 9.30 6.92 7.24
C PRO A 13 9.25 6.39 5.82
N TYR A 14 8.80 5.16 5.65
CA TYR A 14 8.68 4.54 4.34
C TYR A 14 7.36 4.89 3.68
N MET A 15 6.44 5.48 4.43
CA MET A 15 5.07 5.78 4.00
C MET A 15 5.02 6.84 2.92
N ALA A 16 4.36 6.52 1.79
CA ALA A 16 4.28 7.51 0.71
C ALA A 16 2.84 7.82 0.36
N SER A 17 2.54 9.08 0.02
CA SER A 17 1.24 9.47 -0.54
C SER A 17 1.41 9.65 -2.07
N VAL A 18 0.80 8.78 -2.85
CA VAL A 18 0.87 8.84 -4.30
C VAL A 18 -0.27 9.78 -4.71
N GLN A 19 0.08 10.87 -5.37
CA GLN A 19 -0.84 11.93 -5.73
C GLN A 19 -1.07 12.05 -7.24
N LEU A 20 -2.29 12.53 -7.58
CA LEU A 20 -2.69 12.83 -8.94
C LEU A 20 -3.26 14.25 -8.92
N ASN A 21 -2.57 15.16 -9.63
CA ASN A 21 -2.91 16.59 -9.73
C ASN A 21 -3.05 17.26 -8.37
N GLY A 22 -2.07 16.99 -7.49
CA GLY A 22 -1.99 17.58 -6.16
C GLY A 22 -2.90 16.97 -5.10
N ALA A 23 -3.64 15.91 -5.44
CA ALA A 23 -4.53 15.25 -4.50
C ALA A 23 -4.06 13.83 -4.17
N HIS A 24 -4.15 13.43 -2.87
CA HIS A 24 -3.86 12.07 -2.47
C HIS A 24 -4.78 11.13 -3.24
N LEU A 25 -4.17 10.09 -3.81
CA LEU A 25 -4.92 9.09 -4.57
C LEU A 25 -4.74 7.72 -3.93
N CYS A 26 -3.49 7.36 -3.62
CA CYS A 26 -3.13 6.02 -3.15
C CYS A 26 -2.04 6.08 -2.16
N GLY A 27 -1.92 5.01 -1.39
CA GLY A 27 -0.75 4.88 -0.53
C GLY A 27 0.40 4.32 -1.34
N GLY A 28 1.59 4.37 -0.75
CA GLY A 28 2.78 3.84 -1.42
C GLY A 28 3.82 3.55 -0.38
N VAL A 29 4.87 2.77 -0.76
N VAL A 29 4.87 2.80 -0.79
CA VAL A 29 5.96 2.39 0.15
CA VAL A 29 5.98 2.40 0.07
C VAL A 29 7.31 2.59 -0.54
C VAL A 29 7.28 2.73 -0.62
N LEU A 30 8.19 3.39 0.10
CA LEU A 30 9.52 3.66 -0.44
C LEU A 30 10.30 2.34 -0.25
N VAL A 31 10.70 1.71 -1.36
CA VAL A 31 11.41 0.42 -1.32
C VAL A 31 12.90 0.55 -1.63
N ALA A 32 13.31 1.67 -2.22
CA ALA A 32 14.72 1.95 -2.52
C ALA A 32 14.84 3.45 -2.52
N GLU A 33 16.04 4.00 -2.69
CA GLU A 33 16.23 5.45 -2.64
C GLU A 33 15.43 6.24 -3.67
N GLN A 34 15.24 5.66 -4.87
CA GLN A 34 14.52 6.31 -5.95
C GLN A 34 13.24 5.56 -6.39
N TRP A 35 12.79 4.54 -5.63
CA TRP A 35 11.62 3.77 -6.05
C TRP A 35 10.54 3.62 -4.98
N VAL A 36 9.29 3.87 -5.37
CA VAL A 36 8.09 3.76 -4.54
C VAL A 36 7.23 2.67 -5.14
N LEU A 37 6.86 1.68 -4.32
CA LEU A 37 5.98 0.57 -4.69
C LEU A 37 4.52 0.94 -4.30
N SER A 38 3.59 0.63 -5.23
CA SER A 38 2.17 0.95 -5.06
C SER A 38 1.33 -0.05 -5.81
N ALA A 39 0.05 0.26 -6.06
CA ALA A 39 -0.82 -0.68 -6.78
C ALA A 39 -1.12 -0.16 -8.18
N ALA A 40 -1.08 -1.05 -9.16
CA ALA A 40 -1.31 -0.73 -10.57
C ALA A 40 -2.68 -0.09 -10.86
N HIS A 41 -3.75 -0.56 -10.18
CA HIS A 41 -5.11 -0.03 -10.32
C HIS A 41 -5.13 1.49 -10.01
N CYS A 42 -4.15 2.02 -9.22
CA CYS A 42 -4.01 3.46 -8.89
C CYS A 42 -3.78 4.33 -10.13
N LEU A 43 -2.92 3.85 -11.04
CA LEU A 43 -2.52 4.54 -12.26
C LEU A 43 -3.60 4.44 -13.33
N GLU A 44 -4.60 3.58 -13.11
CA GLU A 44 -5.74 3.36 -13.99
C GLU A 44 -6.53 4.66 -14.20
N ASP A 45 -6.78 4.98 -15.47
CA ASP A 45 -7.48 6.17 -15.98
C ASP A 45 -6.80 7.49 -15.53
N ALA A 46 -5.52 7.41 -15.08
CA ALA A 46 -4.76 8.59 -14.69
C ALA A 46 -4.04 9.18 -15.92
N ALA A 47 -3.98 8.42 -17.02
CA ALA A 47 -3.32 8.77 -18.29
C ALA A 47 -3.70 10.17 -18.76
N ASP A 48 -2.78 11.14 -18.49
CA ASP A 48 -2.80 12.60 -18.75
C ASP A 48 -2.42 13.41 -17.47
N GLY A 49 -3.09 13.08 -16.34
CA GLY A 49 -2.90 13.74 -15.05
C GLY A 49 -1.49 13.66 -14.49
N LYS A 50 -1.13 14.62 -13.62
CA LYS A 50 0.21 14.62 -13.06
C LYS A 50 0.31 13.76 -11.81
N VAL A 51 1.21 12.75 -11.83
CA VAL A 51 1.47 11.83 -10.72
C VAL A 51 2.72 12.27 -9.98
N GLN A 52 2.60 12.46 -8.66
CA GLN A 52 3.72 12.85 -7.84
C GLN A 52 3.70 11.96 -6.61
N VAL A 53 4.81 11.91 -5.88
CA VAL A 53 4.90 11.13 -4.64
C VAL A 53 5.31 12.09 -3.53
N LEU A 54 4.53 12.11 -2.46
CA LEU A 54 4.82 12.92 -1.27
C LEU A 54 5.38 12.04 -0.19
N LEU A 55 6.65 12.29 0.17
CA LEU A 55 7.43 11.58 1.21
C LEU A 55 7.62 12.45 2.46
N GLY A 56 7.95 11.83 3.59
CA GLY A 56 8.16 12.51 4.86
C GLY A 56 6.97 13.22 5.46
N ALA A 57 5.74 12.85 5.04
CA ALA A 57 4.50 13.52 5.45
C ALA A 57 3.78 12.82 6.58
N HIS A 58 3.09 13.64 7.37
CA HIS A 58 2.11 13.19 8.33
C HIS A 58 0.80 13.83 7.87
N SER A 59 0.79 15.17 7.79
CA SER A 59 -0.36 15.94 7.32
C SER A 59 -0.25 16.15 5.80
N LEU A 60 -1.35 15.94 5.04
CA LEU A 60 -1.37 16.20 3.58
C LEU A 60 -1.34 17.72 3.28
N SER A 61 -1.91 18.55 4.18
CA SER A 61 -2.02 20.00 3.92
C SER A 61 -1.05 20.95 4.62
N GLN A 62 -0.56 20.62 5.84
N GLN A 62 -0.56 20.62 5.82
CA GLN A 62 0.30 21.48 6.63
CA GLN A 62 0.30 21.52 6.60
C GLN A 62 1.81 21.38 6.31
C GLN A 62 1.81 21.38 6.33
N PRO A 63 2.62 22.47 6.44
CA PRO A 63 4.06 22.34 6.17
C PRO A 63 4.77 21.57 7.28
N GLU A 64 5.70 20.69 6.88
CA GLU A 64 6.52 19.90 7.77
C GLU A 64 7.92 19.95 7.20
N PRO A 65 8.99 20.09 8.02
CA PRO A 65 10.34 20.18 7.45
C PRO A 65 10.78 19.02 6.56
N SER A 66 10.36 17.79 6.92
CA SER A 66 10.68 16.54 6.23
C SER A 66 9.81 16.30 5.00
N LYS A 67 8.75 17.08 4.81
CA LYS A 67 7.85 16.88 3.67
C LYS A 67 8.50 17.31 2.34
N ARG A 68 8.37 16.45 1.32
CA ARG A 68 8.90 16.79 0.00
C ARG A 68 8.10 16.05 -1.03
N LEU A 69 7.57 16.81 -2.01
CA LEU A 69 6.80 16.28 -3.12
C LEU A 69 7.76 16.02 -4.30
N TYR A 70 7.80 14.77 -4.77
CA TYR A 70 8.68 14.35 -5.85
C TYR A 70 7.90 14.11 -7.13
N ASP A 71 8.51 14.53 -8.24
CA ASP A 71 7.96 14.24 -9.55
C ASP A 71 8.37 12.81 -9.91
N VAL A 72 7.66 12.21 -10.87
CA VAL A 72 7.89 10.83 -11.29
C VAL A 72 8.51 10.74 -12.69
N LEU A 73 9.66 10.09 -12.79
CA LEU A 73 10.34 9.89 -14.07
C LEU A 73 9.67 8.78 -14.86
N ARG A 74 9.28 7.68 -14.17
CA ARG A 74 8.71 6.51 -14.83
C ARG A 74 7.65 5.86 -13.96
N ALA A 75 6.53 5.41 -14.57
CA ALA A 75 5.45 4.69 -13.88
C ALA A 75 5.45 3.32 -14.53
N VAL A 76 5.73 2.30 -13.75
CA VAL A 76 5.91 0.92 -14.22
C VAL A 76 4.87 -0.03 -13.61
N PRO A 77 3.66 -0.13 -14.20
CA PRO A 77 2.70 -1.13 -13.70
C PRO A 77 3.21 -2.54 -14.04
N HIS A 78 2.78 -3.56 -13.26
CA HIS A 78 3.17 -4.95 -13.56
C HIS A 78 2.63 -5.29 -14.96
N PRO A 79 3.43 -5.93 -15.83
CA PRO A 79 2.94 -6.22 -17.20
C PRO A 79 1.70 -7.10 -17.30
N ASP A 80 1.48 -7.96 -16.30
CA ASP A 80 0.35 -8.88 -16.25
C ASP A 80 -0.87 -8.34 -15.45
N SER A 81 -0.80 -7.10 -14.91
CA SER A 81 -1.95 -6.52 -14.24
C SER A 81 -3.00 -6.10 -15.30
N GLN A 82 -4.29 -6.09 -14.90
CA GLN A 82 -5.42 -5.73 -15.77
C GLN A 82 -6.51 -5.07 -14.98
N PRO A 83 -7.22 -4.07 -15.57
CA PRO A 83 -8.32 -3.42 -14.86
C PRO A 83 -9.38 -4.31 -14.22
N ASP A 84 -9.79 -5.40 -14.88
CA ASP A 84 -10.86 -6.21 -14.34
C ASP A 84 -10.43 -7.40 -13.45
N THR A 85 -9.14 -7.47 -13.05
CA THR A 85 -8.64 -8.56 -12.18
C THR A 85 -7.99 -8.03 -10.91
N ILE A 86 -7.83 -8.90 -9.88
CA ILE A 86 -7.16 -8.52 -8.62
C ILE A 86 -5.68 -8.98 -8.67
N ASP A 87 -5.26 -9.62 -9.78
CA ASP A 87 -3.94 -10.25 -9.83
C ASP A 87 -2.85 -9.29 -10.25
N HIS A 88 -1.61 -9.54 -9.79
CA HIS A 88 -0.39 -8.78 -10.18
C HIS A 88 -0.59 -7.28 -10.04
N ASP A 89 -1.32 -6.86 -9.00
CA ASP A 89 -1.70 -5.47 -8.82
C ASP A 89 -0.59 -4.63 -8.18
N LEU A 90 0.53 -4.54 -8.91
CA LEU A 90 1.71 -3.79 -8.44
C LEU A 90 2.16 -2.74 -9.41
N LEU A 91 2.70 -1.64 -8.86
CA LEU A 91 3.19 -0.52 -9.64
C LEU A 91 4.45 0.02 -9.03
N LEU A 92 5.45 0.28 -9.86
CA LEU A 92 6.67 0.86 -9.35
C LEU A 92 6.84 2.24 -9.95
N LEU A 93 7.08 3.21 -9.09
CA LEU A 93 7.29 4.60 -9.50
C LEU A 93 8.69 5.02 -9.22
N GLN A 94 9.34 5.50 -10.27
CA GLN A 94 10.71 5.99 -10.18
C GLN A 94 10.67 7.47 -9.97
N LEU A 95 11.22 7.94 -8.84
CA LEU A 95 11.22 9.37 -8.55
C LEU A 95 12.22 10.05 -9.50
N SER A 96 11.99 11.35 -9.76
N SER A 96 12.00 11.34 -9.77
CA SER A 96 12.84 12.18 -10.63
CA SER A 96 12.86 12.12 -10.67
C SER A 96 14.30 12.16 -10.19
C SER A 96 14.31 12.18 -10.19
N GLU A 97 14.54 11.93 -8.89
CA GLU A 97 15.85 11.84 -8.30
C GLU A 97 15.76 11.03 -7.02
N LYS A 98 16.89 10.55 -6.52
CA LYS A 98 16.89 9.84 -5.25
C LYS A 98 16.31 10.70 -4.17
N ALA A 99 15.52 10.08 -3.26
CA ALA A 99 14.90 10.78 -2.17
C ALA A 99 15.94 11.24 -1.15
N THR A 100 15.80 12.45 -0.61
CA THR A 100 16.68 12.92 0.45
C THR A 100 16.24 12.12 1.69
N LEU A 101 17.14 11.26 2.20
CA LEU A 101 16.83 10.39 3.34
C LEU A 101 17.09 11.05 4.68
N GLY A 102 16.48 10.53 5.72
CA GLY A 102 16.63 11.04 7.08
C GLY A 102 15.73 10.33 8.08
N PRO A 103 15.59 10.85 9.33
CA PRO A 103 14.73 10.14 10.31
C PRO A 103 13.24 10.01 9.91
N ALA A 104 12.75 10.88 9.02
CA ALA A 104 11.36 10.86 8.57
C ALA A 104 11.14 10.31 7.14
N VAL A 105 12.24 9.93 6.45
CA VAL A 105 12.22 9.37 5.07
C VAL A 105 13.24 8.25 4.95
N ARG A 106 12.76 7.01 4.93
CA ARG A 106 13.67 5.88 4.86
C ARG A 106 13.02 4.71 4.16
N PRO A 107 13.70 3.99 3.25
CA PRO A 107 13.07 2.80 2.63
C PRO A 107 12.84 1.68 3.64
N LEU A 108 11.88 0.83 3.36
CA LEU A 108 11.53 -0.29 4.21
C LEU A 108 12.08 -1.53 3.57
N PRO A 109 12.81 -2.34 4.36
CA PRO A 109 13.24 -3.66 3.88
C PRO A 109 11.98 -4.48 3.55
N TRP A 110 12.05 -5.21 2.48
CA TRP A 110 10.88 -5.93 2.01
C TRP A 110 11.16 -7.40 1.94
N GLN A 111 10.10 -8.19 2.02
CA GLN A 111 10.29 -9.64 2.09
C GLN A 111 10.68 -10.33 0.78
N ARG A 112 11.79 -11.10 0.82
N ARG A 112 11.78 -11.11 0.78
CA ARG A 112 12.33 -11.80 -0.33
CA ARG A 112 12.11 -11.83 -0.45
C ARG A 112 12.21 -13.33 -0.24
C ARG A 112 11.90 -13.34 -0.32
N VAL A 113 11.80 -13.85 0.92
CA VAL A 113 11.59 -15.27 1.15
C VAL A 113 10.12 -15.54 0.89
N ASP A 114 9.83 -16.32 -0.17
CA ASP A 114 8.48 -16.67 -0.60
C ASP A 114 7.88 -17.84 0.22
N ARG A 115 7.50 -17.53 1.46
CA ARG A 115 6.81 -18.42 2.42
C ARG A 115 5.75 -17.58 3.14
N ASP A 116 4.60 -18.19 3.46
CA ASP A 116 3.50 -17.45 4.09
C ASP A 116 3.84 -16.89 5.45
N VAL A 117 3.21 -15.75 5.79
CA VAL A 117 3.24 -15.13 7.12
C VAL A 117 2.33 -16.07 7.97
N ALA A 118 2.71 -16.36 9.23
CA ALA A 118 1.92 -17.23 10.12
C ALA A 118 0.50 -16.68 10.35
N PRO A 119 -0.54 -17.55 10.41
CA PRO A 119 -1.91 -17.03 10.66
C PRO A 119 -1.96 -16.26 11.96
N GLY A 120 -2.65 -15.14 11.97
CA GLY A 120 -2.80 -14.33 13.17
C GLY A 120 -1.71 -13.33 13.50
N THR A 121 -0.57 -13.37 12.78
CA THR A 121 0.55 -12.41 12.94
C THR A 121 -0.09 -11.01 12.84
N LEU A 122 0.21 -10.10 13.81
CA LEU A 122 -0.38 -8.76 13.77
C LEU A 122 0.44 -7.89 12.83
N CYS A 123 -0.21 -7.37 11.78
CA CYS A 123 0.45 -6.53 10.78
C CYS A 123 -0.11 -5.13 10.74
N ASP A 124 0.75 -4.19 10.44
CA ASP A 124 0.38 -2.77 10.42
C ASP A 124 0.08 -2.27 9.00
N VAL A 125 -1.04 -1.58 8.82
N VAL A 125 -1.06 -1.60 8.83
CA VAL A 125 -1.41 -0.94 7.56
CA VAL A 125 -1.52 -0.95 7.60
C VAL A 125 -1.76 0.50 7.88
C VAL A 125 -1.69 0.52 7.97
N ALA A 126 -1.18 1.44 7.14
CA ALA A 126 -1.34 2.88 7.33
C ALA A 126 -1.82 3.50 6.02
N GLY A 127 -2.52 4.63 6.11
CA GLY A 127 -2.95 5.33 4.91
C GLY A 127 -3.74 6.58 5.18
N TRP A 128 -4.03 7.31 4.12
CA TRP A 128 -4.82 8.52 4.14
C TRP A 128 -6.18 8.30 3.44
N GLY A 129 -6.61 7.03 3.38
CA GLY A 129 -7.88 6.65 2.76
C GLY A 129 -9.07 7.01 3.63
N ILE A 130 -10.29 6.80 3.13
CA ILE A 130 -11.52 7.19 3.86
C ILE A 130 -11.62 6.54 5.26
N VAL A 131 -12.19 7.32 6.21
CA VAL A 131 -12.28 6.88 7.61
C VAL A 131 -13.70 6.52 8.09
N ASN A 132 -14.73 6.69 7.25
CA ASN A 132 -16.11 6.30 7.62
C ASN A 132 -16.92 5.97 6.36
N HIS A 133 -18.16 5.52 6.51
CA HIS A 133 -19.00 5.16 5.37
C HIS A 133 -19.40 6.36 4.51
N ALA A 134 -19.42 7.57 5.08
CA ALA A 134 -19.75 8.77 4.29
C ALA A 134 -18.61 9.18 3.34
N GLY A 135 -17.39 8.70 3.60
CA GLY A 135 -16.22 8.94 2.79
C GLY A 135 -15.33 10.06 3.27
N ARG A 136 -15.42 10.42 4.55
CA ARG A 136 -14.60 11.50 5.09
C ARG A 136 -13.11 11.16 4.91
N ARG A 137 -12.33 12.12 4.43
CA ARG A 137 -10.89 11.92 4.20
C ARG A 137 -10.12 12.53 5.34
N PRO A 138 -9.17 11.80 5.96
CA PRO A 138 -8.37 12.42 7.04
C PRO A 138 -7.26 13.31 6.51
N ASP A 139 -6.96 14.43 7.20
CA ASP A 139 -5.81 15.23 6.76
C ASP A 139 -4.47 14.53 7.09
N SER A 140 -4.46 13.72 8.16
CA SER A 140 -3.25 13.10 8.66
C SER A 140 -3.26 11.59 8.56
N LEU A 141 -2.06 11.00 8.59
CA LEU A 141 -1.93 9.57 8.44
C LEU A 141 -2.61 8.77 9.53
N GLN A 142 -3.38 7.74 9.13
CA GLN A 142 -4.09 6.80 10.04
C GLN A 142 -3.48 5.45 9.93
N HIS A 143 -3.72 4.59 10.94
CA HIS A 143 -3.21 3.23 10.88
C HIS A 143 -4.09 2.29 11.70
N VAL A 144 -3.94 1.00 11.47
CA VAL A 144 -4.64 -0.05 12.19
C VAL A 144 -3.74 -1.30 12.22
N LEU A 145 -3.82 -2.09 13.29
CA LEU A 145 -3.07 -3.34 13.39
C LEU A 145 -4.07 -4.42 13.10
N LEU A 146 -3.82 -5.21 12.06
CA LEU A 146 -4.71 -6.26 11.60
C LEU A 146 -4.05 -7.64 11.67
N PRO A 147 -4.79 -8.67 12.18
CA PRO A 147 -4.22 -10.02 12.17
C PRO A 147 -4.36 -10.65 10.78
N VAL A 148 -3.34 -11.40 10.40
CA VAL A 148 -3.31 -12.12 9.13
C VAL A 148 -4.35 -13.25 9.14
N LEU A 149 -5.17 -13.35 8.07
CA LEU A 149 -6.15 -14.41 7.93
C LEU A 149 -5.59 -15.52 7.01
N ASP A 150 -5.62 -16.77 7.48
CA ASP A 150 -5.13 -17.91 6.67
C ASP A 150 -5.87 -17.99 5.30
N ARG A 151 -5.14 -18.31 4.23
CA ARG A 151 -5.64 -18.35 2.86
C ARG A 151 -6.84 -19.24 2.67
N ALA A 152 -6.84 -20.43 3.30
CA ALA A 152 -7.99 -21.35 3.18
C ALA A 152 -9.32 -20.71 3.68
N THR A 153 -9.35 -20.07 4.90
CA THR A 153 -10.56 -19.39 5.42
C THR A 153 -10.91 -18.28 4.42
N CYS A 154 -9.88 -17.52 4.01
CA CYS A 154 -10.10 -16.45 3.06
C CYS A 154 -10.73 -16.91 1.72
N ASN A 155 -10.36 -18.11 1.28
CA ASN A 155 -10.86 -18.74 0.04
C ASN A 155 -12.23 -19.42 0.15
N ARG A 156 -12.88 -19.39 1.34
CA ARG A 156 -14.21 -20.01 1.52
C ARG A 156 -15.25 -19.34 0.63
N ARG A 157 -16.31 -20.10 0.24
CA ARG A 157 -17.43 -19.63 -0.59
C ARG A 157 -18.07 -18.37 0.00
N THR A 158 -18.25 -18.36 1.33
CA THR A 158 -18.80 -17.26 2.12
C THR A 158 -17.88 -16.02 2.05
N HIS A 159 -16.57 -16.22 1.81
CA HIS A 159 -15.58 -15.12 1.78
C HIS A 159 -15.20 -14.71 0.34
N HIS A 160 -13.94 -14.94 -0.12
CA HIS A 160 -13.52 -14.58 -1.49
C HIS A 160 -13.62 -15.75 -2.50
N ASP A 161 -14.24 -16.86 -2.12
CA ASP A 161 -14.59 -18.00 -2.97
C ASP A 161 -13.49 -18.40 -4.03
N GLY A 162 -12.34 -18.87 -3.54
CA GLY A 162 -11.22 -19.37 -4.38
C GLY A 162 -10.41 -18.33 -5.15
N ALA A 163 -10.67 -17.03 -4.95
CA ALA A 163 -9.91 -15.96 -5.65
C ALA A 163 -8.52 -15.68 -5.06
N ILE A 164 -8.23 -16.18 -3.85
CA ILE A 164 -6.95 -15.91 -3.18
C ILE A 164 -5.88 -16.86 -3.67
N THR A 165 -5.01 -16.40 -4.58
CA THR A 165 -3.93 -17.25 -5.08
C THR A 165 -2.77 -17.27 -4.09
N GLU A 166 -1.77 -18.10 -4.34
CA GLU A 166 -0.53 -18.17 -3.56
C GLU A 166 0.27 -16.85 -3.55
N ARG A 167 -0.04 -15.95 -4.50
CA ARG A 167 0.61 -14.63 -4.64
C ARG A 167 -0.13 -13.53 -3.85
N LEU A 168 -1.26 -13.89 -3.21
CA LEU A 168 -2.08 -12.95 -2.44
C LEU A 168 -2.17 -13.41 -1.02
N MET A 169 -2.43 -12.47 -0.10
CA MET A 169 -2.63 -12.75 1.33
C MET A 169 -3.89 -12.00 1.88
N CYS A 170 -4.41 -12.45 3.03
CA CYS A 170 -5.56 -11.81 3.65
C CYS A 170 -5.26 -11.32 5.04
N ALA A 171 -6.05 -10.39 5.50
CA ALA A 171 -6.02 -9.88 6.86
C ALA A 171 -7.47 -9.65 7.23
N GLU A 172 -7.79 -9.77 8.52
CA GLU A 172 -9.15 -9.53 9.00
C GLU A 172 -9.67 -8.18 8.57
N SER A 173 -10.96 -8.11 8.27
CA SER A 173 -11.61 -6.88 7.85
C SER A 173 -12.83 -6.59 8.77
N ASN A 174 -12.84 -7.12 9.99
CA ASN A 174 -13.95 -6.96 10.93
C ASN A 174 -13.89 -5.61 11.62
N ARG A 175 -14.70 -4.65 11.12
CA ARG A 175 -14.81 -3.26 11.60
C ARG A 175 -13.55 -2.45 11.24
N ARG A 176 -12.36 -3.01 11.51
CA ARG A 176 -11.07 -2.40 11.21
C ARG A 176 -10.64 -2.85 9.83
N ASP A 177 -10.30 -1.90 8.95
CA ASP A 177 -9.94 -2.26 7.57
C ASP A 177 -9.27 -1.13 6.81
N SER A 178 -8.64 -1.48 5.69
CA SER A 178 -8.12 -0.51 4.74
C SER A 178 -9.29 -0.27 3.81
N CYS A 179 -9.39 0.94 3.23
CA CYS A 179 -10.52 1.30 2.39
C CYS A 179 -10.05 2.19 1.25
N LYS A 180 -10.99 2.78 0.48
CA LYS A 180 -10.68 3.63 -0.68
C LYS A 180 -9.68 4.74 -0.28
N GLY A 181 -8.59 4.82 -1.02
CA GLY A 181 -7.50 5.78 -0.81
C GLY A 181 -6.36 5.12 -0.07
N ASP A 182 -6.58 3.89 0.44
CA ASP A 182 -5.53 3.13 1.13
C ASP A 182 -4.84 2.16 0.19
N SER A 183 -5.43 1.88 -0.98
CA SER A 183 -4.81 1.01 -2.00
C SER A 183 -3.37 1.43 -2.30
N GLY A 184 -2.49 0.45 -2.52
CA GLY A 184 -1.07 0.69 -2.79
C GLY A 184 -0.19 0.89 -1.58
N GLY A 185 -0.80 0.99 -0.40
CA GLY A 185 -0.10 1.12 0.86
C GLY A 185 0.51 -0.17 1.37
N PRO A 186 1.38 -0.05 2.40
CA PRO A 186 2.09 -1.22 2.92
C PRO A 186 1.37 -2.01 4.02
N LEU A 187 1.51 -3.35 4.01
CA LEU A 187 1.14 -4.25 5.10
C LEU A 187 2.50 -4.71 5.65
N VAL A 188 2.85 -4.24 6.84
CA VAL A 188 4.14 -4.46 7.48
C VAL A 188 3.98 -5.46 8.61
N CYS A 189 4.74 -6.57 8.56
CA CYS A 189 4.68 -7.60 9.59
C CYS A 189 6.09 -7.78 10.06
N GLY A 190 6.29 -7.69 11.39
CA GLY A 190 7.58 -7.81 12.04
C GLY A 190 8.65 -6.92 11.45
N GLY A 191 8.28 -5.69 11.13
CA GLY A 191 9.16 -4.64 10.63
C GLY A 191 9.58 -4.78 9.18
N VAL A 192 8.98 -5.73 8.45
CA VAL A 192 9.35 -6.01 7.06
C VAL A 192 8.11 -5.87 6.21
N LEU A 193 8.24 -5.29 4.98
CA LEU A 193 7.09 -5.15 4.08
C LEU A 193 6.70 -6.54 3.62
N GLU A 194 5.44 -6.94 3.84
CA GLU A 194 4.94 -8.26 3.43
C GLU A 194 3.93 -8.16 2.30
N GLY A 195 3.11 -7.11 2.32
CA GLY A 195 2.09 -6.97 1.28
C GLY A 195 1.77 -5.55 0.86
N VAL A 196 1.06 -5.42 -0.28
CA VAL A 196 0.62 -4.13 -0.78
C VAL A 196 -0.89 -4.22 -0.90
N VAL A 197 -1.57 -3.22 -0.33
CA VAL A 197 -3.03 -3.15 -0.34
C VAL A 197 -3.53 -3.17 -1.77
N THR A 198 -4.54 -4.03 -2.03
CA THR A 198 -5.18 -4.04 -3.33
C THR A 198 -6.67 -3.63 -3.14
N SER A 199 -7.24 -2.85 -4.09
CA SER A 199 -8.67 -2.45 -4.12
C SER A 199 -9.47 -3.46 -4.97
N GLY A 200 -8.89 -4.66 -5.17
CA GLY A 200 -9.49 -5.74 -5.95
C GLY A 200 -10.93 -6.03 -5.53
N SER A 201 -11.14 -6.28 -4.22
CA SER A 201 -12.44 -6.43 -3.60
C SER A 201 -12.62 -5.09 -2.83
N ARG A 202 -13.57 -4.27 -3.31
CA ARG A 202 -13.78 -2.89 -2.88
C ARG A 202 -14.47 -2.65 -1.53
N VAL A 203 -15.34 -3.57 -1.05
CA VAL A 203 -16.06 -3.32 0.21
C VAL A 203 -15.10 -3.18 1.41
N CYS A 204 -15.40 -2.22 2.33
CA CYS A 204 -14.60 -1.98 3.54
C CYS A 204 -15.38 -2.27 4.81
N GLY A 205 -14.72 -2.93 5.77
CA GLY A 205 -15.28 -3.23 7.10
C GLY A 205 -16.20 -4.42 7.25
N ASN A 206 -16.39 -5.19 6.18
CA ASN A 206 -17.22 -6.42 6.17
C ASN A 206 -16.31 -7.62 6.46
N ARG A 207 -16.49 -8.29 7.63
CA ARG A 207 -15.70 -9.48 8.03
C ARG A 207 -15.81 -10.65 7.04
N LYS A 208 -16.92 -10.74 6.29
CA LYS A 208 -17.05 -11.81 5.28
C LYS A 208 -16.30 -11.47 3.97
N LYS A 209 -15.70 -10.28 3.88
CA LYS A 209 -14.89 -9.92 2.72
C LYS A 209 -13.52 -9.42 3.24
N PRO A 210 -12.59 -10.35 3.62
CA PRO A 210 -11.31 -9.91 4.21
C PRO A 210 -10.52 -8.99 3.27
N GLY A 211 -9.62 -8.24 3.84
CA GLY A 211 -8.71 -7.39 3.09
C GLY A 211 -7.77 -8.25 2.27
N ILE A 212 -7.51 -7.85 1.02
CA ILE A 212 -6.60 -8.61 0.13
C ILE A 212 -5.32 -7.80 -0.07
N TYR A 213 -4.15 -8.44 0.11
CA TYR A 213 -2.84 -7.79 -0.03
C TYR A 213 -1.96 -8.60 -0.97
N THR A 214 -1.31 -7.91 -1.94
CA THR A 214 -0.44 -8.60 -2.89
C THR A 214 0.86 -8.94 -2.14
N ARG A 215 1.31 -10.21 -2.17
CA ARG A 215 2.54 -10.63 -1.44
C ARG A 215 3.80 -10.18 -2.18
N VAL A 216 4.58 -9.25 -1.60
CA VAL A 216 5.75 -8.76 -2.33
C VAL A 216 6.80 -9.84 -2.63
N ALA A 217 6.96 -10.83 -1.75
CA ALA A 217 7.96 -11.88 -1.97
C ALA A 217 7.66 -12.66 -3.23
N SER A 218 6.37 -12.77 -3.62
N SER A 218 6.36 -12.77 -3.63
CA SER A 218 5.94 -13.48 -4.82
CA SER A 218 5.94 -13.47 -4.84
C SER A 218 6.32 -12.71 -6.09
C SER A 218 6.38 -12.72 -6.10
N TYR A 219 6.67 -11.42 -5.96
CA TYR A 219 7.07 -10.56 -7.08
C TYR A 219 8.48 -10.05 -6.94
N ALA A 220 9.33 -10.76 -6.20
CA ALA A 220 10.71 -10.32 -5.93
C ALA A 220 11.56 -10.12 -7.17
N ALA A 221 11.47 -11.06 -8.14
CA ALA A 221 12.17 -10.98 -9.42
C ALA A 221 11.71 -9.79 -10.27
N TRP A 222 10.38 -9.50 -10.33
CA TRP A 222 9.84 -8.37 -11.06
C TRP A 222 10.33 -7.04 -10.47
N ILE A 223 10.29 -6.89 -9.13
CA ILE A 223 10.76 -5.67 -8.45
C ILE A 223 12.25 -5.44 -8.78
N ASP A 224 13.08 -6.51 -8.69
CA ASP A 224 14.52 -6.41 -8.98
C ASP A 224 14.81 -6.04 -10.44
N SER A 225 14.07 -6.65 -11.40
N SER A 225 14.06 -6.64 -11.40
CA SER A 225 14.24 -6.34 -12.83
CA SER A 225 14.21 -6.37 -12.84
C SER A 225 13.96 -4.86 -13.14
C SER A 225 13.88 -4.92 -13.23
N VAL A 226 12.87 -4.30 -12.57
CA VAL A 226 12.44 -2.92 -12.80
C VAL A 226 13.48 -1.94 -12.24
N LEU A 227 13.92 -2.17 -11.02
CA LEU A 227 14.94 -1.34 -10.40
C LEU A 227 16.28 -1.40 -11.13
N ALA A 228 16.57 -2.51 -11.84
CA ALA A 228 17.80 -2.67 -12.60
C ALA A 228 17.70 -1.93 -13.92
C1 E7E B . -14.32 1.29 -2.85
C2 E7E B . -15.48 1.81 -3.47
C3 E7E B . -15.44 2.43 -4.72
C13 E7E B . -11.76 0.83 -2.83
C16 E7E B . -10.76 -0.66 -1.07
C17 E7E B . -11.08 -1.75 -0.26
C18 E7E B . -8.81 -1.91 0.53
C19 E7E B . -8.44 -0.82 -0.26
C20 E7E B . -10.12 -2.40 0.53
C21 E7E B . -9.41 -0.18 -1.06
C22 E7E B . -10.58 -3.57 1.42
C4 E7E B . -13.04 1.36 -3.48
C5 E7E B . -13.02 2.00 -4.72
C6 E7E B . -14.17 2.52 -5.34
N7 E7E B . -13.84 3.09 -6.51
C8 E7E B . -12.55 2.98 -6.77
C9 E7E B . -11.96 2.33 -5.75
C10 E7E B . -11.85 3.50 -7.96
N11 E7E B . -12.51 4.14 -8.95
O12 E7E B . -10.64 3.36 -8.02
O14 E7E B . -10.70 1.29 -3.25
N15 E7E B . -11.82 -0.07 -1.82
N23 E7E B . -9.69 -3.80 2.57
#